data_5YB4
#
_entry.id   5YB4
#
_cell.length_a   51.280
_cell.length_b   51.280
_cell.length_c   142.950
_cell.angle_alpha   90.00
_cell.angle_beta   90.00
_cell.angle_gamma   90.00
#
_symmetry.space_group_name_H-M   'P 41 21 2'
#
loop_
_entity.id
_entity.type
_entity.pdbx_description
1 polymer N36KR
2 polymer HP23L
3 water water
#
loop_
_entity_poly.entity_id
_entity_poly.type
_entity_poly.pdbx_seq_one_letter_code
_entity_poly.pdbx_strand_id
1 'polypeptide(L)' SGIVQQQNNLLRAIKAQQHLLQRTVWGIKQLQARIL E,D,F
2 'polypeptide(L)' ELTWEEWEKKIEEYTKKIEEILK H,G,I
#
# COMPACT_ATOMS: atom_id res chain seq x y z
N SER A 1 3.51 -24.03 5.96
CA SER A 1 4.73 -24.28 5.18
C SER A 1 4.49 -24.99 3.85
N GLY A 2 3.41 -25.76 3.76
CA GLY A 2 2.95 -26.24 2.49
C GLY A 2 2.46 -25.08 1.64
N ILE A 3 2.06 -25.41 0.42
CA ILE A 3 1.60 -24.38 -0.51
C ILE A 3 0.29 -23.79 -0.03
N VAL A 4 -0.59 -24.62 0.53
CA VAL A 4 -1.89 -24.12 1.00
C VAL A 4 -1.71 -23.12 2.14
N GLN A 5 -0.90 -23.46 3.14
CA GLN A 5 -0.69 -22.56 4.26
C GLN A 5 -0.10 -21.24 3.80
N GLN A 6 0.87 -21.28 2.89
CA GLN A 6 1.50 -20.06 2.40
C GLN A 6 0.51 -19.19 1.62
N GLN A 7 -0.38 -19.80 0.83
CA GLN A 7 -1.39 -19.00 0.16
C GLN A 7 -2.30 -18.32 1.18
N ASN A 8 -2.69 -19.06 2.24
CA ASN A 8 -3.48 -18.47 3.31
C ASN A 8 -2.70 -17.34 3.98
N ASN A 9 -1.39 -17.51 4.11
CA ASN A 9 -0.56 -16.48 4.70
C ASN A 9 -0.51 -15.22 3.82
N LEU A 10 -0.32 -15.38 2.51
CA LEU A 10 -0.26 -14.22 1.64
C LEU A 10 -1.59 -13.48 1.64
N LEU A 11 -2.69 -14.23 1.59
CA LEU A 11 -4.01 -13.61 1.66
C LEU A 11 -4.10 -12.71 2.89
N ARG A 12 -3.65 -13.23 4.04
CA ARG A 12 -3.74 -12.49 5.28
C ARG A 12 -2.85 -11.24 5.26
N ALA A 13 -1.67 -11.34 4.67
CA ALA A 13 -0.80 -10.16 4.54
C ALA A 13 -1.45 -9.10 3.69
N ILE A 14 -2.10 -9.50 2.59
CA ILE A 14 -2.78 -8.51 1.75
C ILE A 14 -3.94 -7.89 2.50
N LYS A 15 -4.68 -8.70 3.25
CA LYS A 15 -5.81 -8.19 4.03
C LYS A 15 -5.34 -7.16 5.04
N ALA A 16 -4.20 -7.41 5.68
CA ALA A 16 -3.64 -6.47 6.63
C ALA A 16 -3.04 -5.24 5.93
N GLN A 17 -2.44 -5.43 4.75
CA GLN A 17 -1.96 -4.30 3.97
C GLN A 17 -3.10 -3.42 3.47
N GLN A 18 -4.26 -4.02 3.20
CA GLN A 18 -5.40 -3.22 2.78
C GLN A 18 -5.87 -2.30 3.91
N HIS A 19 -5.85 -2.78 5.16
CA HIS A 19 -6.19 -1.92 6.30
C HIS A 19 -5.19 -0.77 6.45
N LEU A 20 -3.90 -1.07 6.40
CA LEU A 20 -2.88 -0.03 6.42
C LEU A 20 -3.12 1.01 5.32
N LEU A 21 -3.35 0.55 4.10
CA LEU A 21 -3.55 1.47 2.98
C LEU A 21 -4.74 2.38 3.23
N GLN A 22 -5.83 1.83 3.77
CA GLN A 22 -7.00 2.65 4.02
C GLN A 22 -6.68 3.76 5.00
N ARG A 23 -5.91 3.45 6.03
CA ARG A 23 -5.59 4.47 7.01
C ARG A 23 -4.69 5.54 6.40
N THR A 24 -3.86 5.17 5.42
CA THR A 24 -3.05 6.20 4.77
C THR A 24 -3.92 7.10 3.90
N VAL A 25 -4.95 6.54 3.26
CA VAL A 25 -5.89 7.36 2.51
C VAL A 25 -6.54 8.38 3.41
N TRP A 26 -7.00 7.95 4.58
CA TRP A 26 -7.64 8.89 5.50
C TRP A 26 -6.70 10.01 5.89
N GLY A 27 -5.41 9.70 6.04
CA GLY A 27 -4.46 10.72 6.45
C GLY A 27 -4.26 11.77 5.36
N ILE A 28 -4.12 11.32 4.11
CA ILE A 28 -3.97 12.23 2.98
C ILE A 28 -5.18 13.13 2.87
N LYS A 29 -6.38 12.55 3.01
CA LYS A 29 -7.59 13.34 2.90
C LYS A 29 -7.64 14.37 4.01
N GLN A 30 -7.17 14.02 5.20
CA GLN A 30 -7.21 14.98 6.29
C GLN A 30 -6.33 16.17 5.98
N LEU A 31 -5.08 15.88 5.61
CA LEU A 31 -4.15 16.93 5.24
C LEU A 31 -4.68 17.77 4.09
N GLN A 32 -5.26 17.14 3.08
CA GLN A 32 -5.75 17.89 1.94
C GLN A 32 -6.83 18.88 2.39
N ALA A 33 -7.70 18.45 3.32
CA ALA A 33 -8.71 19.33 3.87
C ALA A 33 -8.08 20.50 4.62
N ARG A 34 -7.02 20.25 5.38
CA ARG A 34 -6.41 21.34 6.15
C ARG A 34 -5.63 22.28 5.24
N ILE A 35 -4.86 21.73 4.30
CA ILE A 35 -4.09 22.55 3.36
C ILE A 35 -5.02 23.28 2.40
N LEU A 36 -6.02 22.59 1.89
CA LEU A 36 -6.95 23.19 0.95
C LEU A 36 -8.33 23.19 1.60
N SER B 1 4.54 -20.05 -15.01
CA SER B 1 5.83 -20.56 -14.58
C SER B 1 5.66 -21.57 -13.44
N GLY B 2 4.41 -21.88 -13.13
CA GLY B 2 4.06 -22.89 -12.14
C GLY B 2 3.60 -22.25 -10.85
N ILE B 3 3.06 -23.10 -9.97
CA ILE B 3 2.45 -22.60 -8.74
C ILE B 3 3.53 -22.16 -7.75
N VAL B 4 4.59 -22.94 -7.61
CA VAL B 4 5.63 -22.57 -6.65
C VAL B 4 6.27 -21.25 -7.05
N GLN B 5 6.66 -21.13 -8.32
CA GLN B 5 7.33 -19.93 -8.80
C GLN B 5 6.42 -18.71 -8.71
N GLN B 6 5.12 -18.92 -8.92
CA GLN B 6 4.16 -17.83 -8.82
C GLN B 6 3.96 -17.40 -7.36
N GLN B 7 4.01 -18.35 -6.45
CA GLN B 7 3.93 -18.04 -5.03
C GLN B 7 5.14 -17.23 -4.55
N ASN B 8 6.35 -17.62 -4.97
CA ASN B 8 7.52 -16.81 -4.62
C ASN B 8 7.44 -15.42 -5.22
N ASN B 9 6.88 -15.32 -6.42
CA ASN B 9 6.70 -14.01 -7.04
C ASN B 9 5.77 -13.17 -6.19
N LEU B 10 4.65 -13.76 -5.76
CA LEU B 10 3.69 -12.99 -4.98
C LEU B 10 4.28 -12.56 -3.65
N LEU B 11 5.00 -13.47 -2.99
CA LEU B 11 5.63 -13.13 -1.73
C LEU B 11 6.56 -11.93 -1.89
N ARG B 12 7.41 -11.99 -2.91
CA ARG B 12 8.36 -10.92 -3.13
C ARG B 12 7.66 -9.60 -3.43
N ALA B 13 6.58 -9.64 -4.22
CA ALA B 13 5.83 -8.41 -4.50
C ALA B 13 5.17 -7.87 -3.24
N ILE B 14 4.62 -8.74 -2.39
CA ILE B 14 3.99 -8.27 -1.16
C ILE B 14 5.03 -7.64 -0.24
N LYS B 15 6.22 -8.24 -0.15
CA LYS B 15 7.26 -7.69 0.70
C LYS B 15 7.70 -6.31 0.23
N ALA B 16 7.85 -6.14 -1.08
CA ALA B 16 8.27 -4.84 -1.58
C ALA B 16 7.14 -3.81 -1.46
N GLN B 17 5.88 -4.24 -1.60
CA GLN B 17 4.79 -3.31 -1.36
C GLN B 17 4.74 -2.83 0.08
N GLN B 18 5.16 -3.68 1.02
CA GLN B 18 5.25 -3.24 2.40
C GLN B 18 6.29 -2.16 2.57
N HIS B 19 7.39 -2.25 1.83
CA HIS B 19 8.38 -1.18 1.86
C HIS B 19 7.77 0.11 1.35
N LEU B 20 7.05 0.03 0.22
CA LEU B 20 6.28 1.16 -0.26
C LEU B 20 5.35 1.74 0.81
N LEU B 21 4.55 0.88 1.45
CA LEU B 21 3.59 1.36 2.43
C LEU B 21 4.27 2.08 3.57
N GLN B 22 5.39 1.53 4.07
CA GLN B 22 6.11 2.18 5.15
C GLN B 22 6.57 3.56 4.75
N ARG B 23 7.03 3.71 3.51
CA ARG B 23 7.51 5.01 3.07
C ARG B 23 6.37 6.00 2.88
N THR B 24 5.18 5.55 2.49
CA THR B 24 4.06 6.48 2.43
C THR B 24 3.64 6.91 3.83
N VAL B 25 3.73 6.01 4.82
CA VAL B 25 3.46 6.40 6.19
C VAL B 25 4.44 7.49 6.63
N TRP B 26 5.72 7.30 6.34
CA TRP B 26 6.71 8.29 6.71
C TRP B 26 6.41 9.64 6.04
N GLY B 27 5.92 9.62 4.81
CA GLY B 27 5.61 10.86 4.11
C GLY B 27 4.44 11.59 4.72
N ILE B 28 3.38 10.86 5.07
CA ILE B 28 2.22 11.47 5.73
C ILE B 28 2.63 12.07 7.06
N LYS B 29 3.42 11.34 7.87
CA LYS B 29 3.83 11.85 9.16
C LYS B 29 4.70 13.10 9.02
N GLN B 30 5.52 13.16 7.96
CA GLN B 30 6.33 14.36 7.70
C GLN B 30 5.44 15.56 7.43
N LEU B 31 4.49 15.41 6.50
CA LEU B 31 3.54 16.48 6.22
C LEU B 31 2.74 16.85 7.47
N GLN B 32 2.27 15.87 8.21
CA GLN B 32 1.44 16.15 9.37
C GLN B 32 2.20 16.95 10.43
N ALA B 33 3.46 16.59 10.67
CA ALA B 33 4.26 17.35 11.62
C ALA B 33 4.49 18.77 11.14
N ARG B 34 4.74 18.94 9.84
CA ARG B 34 5.03 20.27 9.31
C ARG B 34 3.77 21.15 9.37
N ILE B 35 2.62 20.59 8.98
CA ILE B 35 1.36 21.31 9.03
C ILE B 35 0.99 21.65 10.46
N LEU B 36 1.16 20.69 11.36
CA LEU B 36 0.86 20.86 12.78
C LEU B 36 2.05 20.66 13.72
N GLY C 2 -9.92 -23.81 -5.66
CA GLY C 2 -8.62 -24.43 -5.80
C GLY C 2 -7.46 -23.45 -5.64
N ILE C 3 -6.24 -23.99 -5.67
CA ILE C 3 -5.05 -23.16 -5.47
C ILE C 3 -4.82 -22.25 -6.68
N VAL C 4 -5.05 -22.76 -7.88
CA VAL C 4 -4.84 -21.96 -9.10
C VAL C 4 -5.75 -20.74 -9.10
N GLN C 5 -7.03 -20.92 -8.76
CA GLN C 5 -7.93 -19.78 -8.74
C GLN C 5 -7.67 -18.86 -7.54
N GLN C 6 -7.01 -19.36 -6.51
CA GLN C 6 -6.66 -18.49 -5.40
C GLN C 6 -5.43 -17.66 -5.73
N GLN C 7 -4.45 -18.25 -6.41
CA GLN C 7 -3.28 -17.50 -6.84
C GLN C 7 -3.66 -16.40 -7.82
N ASN C 8 -4.56 -16.70 -8.78
CA ASN C 8 -5.04 -15.66 -9.69
C ASN C 8 -5.72 -14.55 -8.91
N ASN C 9 -6.44 -14.89 -7.85
CA ASN C 9 -7.08 -13.86 -7.05
C ASN C 9 -6.04 -12.94 -6.42
N LEU C 10 -5.01 -13.54 -5.81
CA LEU C 10 -3.98 -12.73 -5.16
C LEU C 10 -3.26 -11.85 -6.16
N LEU C 11 -2.94 -12.38 -7.34
CA LEU C 11 -2.31 -11.56 -8.37
C LEU C 11 -3.17 -10.33 -8.68
N ARG C 12 -4.46 -10.53 -8.94
CA ARG C 12 -5.31 -9.38 -9.26
C ARG C 12 -5.38 -8.39 -8.11
N ALA C 13 -5.48 -8.89 -6.87
CA ALA C 13 -5.55 -8.00 -5.70
C ALA C 13 -4.27 -7.19 -5.53
N ILE C 14 -3.12 -7.82 -5.75
CA ILE C 14 -1.86 -7.09 -5.62
C ILE C 14 -1.74 -6.02 -6.71
N LYS C 15 -2.13 -6.35 -7.94
CA LYS C 15 -2.00 -5.39 -9.03
C LYS C 15 -2.88 -4.16 -8.79
N ALA C 16 -4.11 -4.38 -8.30
CA ALA C 16 -5.01 -3.26 -8.04
C ALA C 16 -4.57 -2.47 -6.82
N GLN C 17 -4.02 -3.14 -5.82
CA GLN C 17 -3.45 -2.47 -4.66
C GLN C 17 -2.23 -1.64 -5.07
N GLN C 18 -1.52 -2.05 -6.11
CA GLN C 18 -0.43 -1.25 -6.63
C GLN C 18 -0.96 0.05 -7.24
N HIS C 19 -2.13 -0.03 -7.88
CA HIS C 19 -2.77 1.18 -8.40
C HIS C 19 -3.10 2.14 -7.27
N LEU C 20 -3.70 1.64 -6.21
CA LEU C 20 -3.98 2.43 -5.02
C LEU C 20 -2.74 3.14 -4.50
N LEU C 21 -1.65 2.38 -4.31
CA LEU C 21 -0.45 2.97 -3.73
C LEU C 21 0.06 4.12 -4.58
N GLN C 22 0.02 3.95 -5.89
CA GLN C 22 0.51 4.99 -6.79
C GLN C 22 -0.28 6.28 -6.61
N ARG C 23 -1.59 6.17 -6.47
CA ARG C 23 -2.40 7.37 -6.31
C ARG C 23 -2.22 7.99 -4.92
N THR C 24 -1.95 7.19 -3.90
CA THR C 24 -1.63 7.79 -2.61
C THR C 24 -0.24 8.41 -2.63
N VAL C 25 0.69 7.85 -3.40
CA VAL C 25 1.96 8.54 -3.60
C VAL C 25 1.71 9.89 -4.27
N TRP C 26 0.85 9.91 -5.29
CA TRP C 26 0.54 11.14 -6.01
C TRP C 26 -0.02 12.20 -5.06
N GLY C 27 -0.82 11.77 -4.09
CA GLY C 27 -1.39 12.72 -3.16
C GLY C 27 -0.34 13.31 -2.25
N ILE C 28 0.55 12.46 -1.74
CA ILE C 28 1.62 12.96 -0.90
C ILE C 28 2.49 13.93 -1.69
N LYS C 29 2.81 13.59 -2.94
CA LYS C 29 3.62 14.49 -3.74
C LYS C 29 2.89 15.81 -4.02
N GLN C 30 1.57 15.77 -4.18
CA GLN C 30 0.80 16.99 -4.42
C GLN C 30 0.87 17.92 -3.23
N LEU C 31 0.56 17.39 -2.04
CA LEU C 31 0.63 18.18 -0.83
C LEU C 31 2.05 18.68 -0.59
N GLN C 32 3.04 17.82 -0.80
CA GLN C 32 4.42 18.21 -0.56
C GLN C 32 4.83 19.36 -1.48
N ALA C 33 4.44 19.30 -2.75
CA ALA C 33 4.75 20.38 -3.69
C ALA C 33 4.03 21.67 -3.31
N ARG C 34 2.85 21.54 -2.72
CA ARG C 34 2.06 22.70 -2.31
C ARG C 34 2.73 23.41 -1.14
N ILE C 35 3.29 22.64 -0.22
CA ILE C 35 3.95 23.19 0.96
C ILE C 35 5.30 23.81 0.60
N LEU C 36 6.06 23.15 -0.27
CA LEU C 36 7.38 23.63 -0.66
C LEU C 36 7.32 23.98 -2.13
N LEU D 2 -5.70 15.88 -12.92
CA LEU D 2 -6.47 15.03 -12.02
C LEU D 2 -6.88 15.80 -10.77
N THR D 3 -8.19 15.93 -10.56
CA THR D 3 -8.67 16.66 -9.40
C THR D 3 -8.69 15.75 -8.17
N TRP D 4 -8.73 16.38 -7.01
CA TRP D 4 -8.85 15.65 -5.76
C TRP D 4 -10.19 14.93 -5.66
N GLU D 5 -11.19 15.36 -6.45
CA GLU D 5 -12.45 14.61 -6.53
C GLU D 5 -12.31 13.39 -7.42
N GLU D 6 -11.57 13.51 -8.53
CA GLU D 6 -11.29 12.33 -9.33
C GLU D 6 -10.37 11.37 -8.59
N TRP D 7 -9.50 11.90 -7.73
CA TRP D 7 -8.64 11.05 -6.92
C TRP D 7 -9.46 10.23 -5.93
N GLU D 8 -10.39 10.88 -5.22
CA GLU D 8 -11.21 10.18 -4.24
C GLU D 8 -12.02 9.05 -4.88
N LYS D 9 -12.60 9.29 -6.06
CA LYS D 9 -13.36 8.24 -6.74
C LYS D 9 -12.45 7.10 -7.16
N LYS D 10 -11.29 7.42 -7.74
CA LYS D 10 -10.37 6.37 -8.18
C LYS D 10 -9.95 5.49 -7.01
N ILE D 11 -9.72 6.11 -5.84
CA ILE D 11 -9.44 5.34 -4.64
C ILE D 11 -10.59 4.40 -4.35
N GLU D 12 -11.79 4.96 -4.11
CA GLU D 12 -12.95 4.13 -3.80
C GLU D 12 -13.20 3.08 -4.87
N GLU D 13 -13.00 3.42 -6.14
CA GLU D 13 -13.13 2.44 -7.22
C GLU D 13 -12.21 1.24 -6.97
N TYR D 14 -10.90 1.51 -6.84
CA TYR D 14 -9.97 0.42 -6.60
C TYR D 14 -10.20 -0.21 -5.24
N THR D 15 -10.69 0.55 -4.28
CA THR D 15 -10.97 -0.02 -2.96
C THR D 15 -12.04 -1.10 -3.05
N LYS D 16 -13.20 -0.78 -3.62
CA LYS D 16 -14.23 -1.79 -3.76
C LYS D 16 -13.77 -2.94 -4.65
N LYS D 17 -12.91 -2.67 -5.63
CA LYS D 17 -12.43 -3.73 -6.51
C LYS D 17 -11.61 -4.75 -5.75
N ILE D 18 -10.83 -4.30 -4.76
CA ILE D 18 -9.99 -5.20 -3.98
C ILE D 18 -10.82 -6.01 -2.98
N GLU D 19 -11.70 -5.33 -2.23
CA GLU D 19 -12.53 -6.02 -1.26
C GLU D 19 -13.41 -7.07 -1.92
N GLU D 20 -13.93 -6.78 -3.11
CA GLU D 20 -14.70 -7.77 -3.85
C GLU D 20 -13.82 -8.96 -4.23
N ILE D 21 -12.52 -8.73 -4.43
CA ILE D 21 -11.65 -9.84 -4.75
C ILE D 21 -11.48 -10.76 -3.55
N LEU D 22 -11.40 -10.18 -2.35
CA LEU D 22 -11.34 -10.95 -1.12
C LEU D 22 -12.72 -11.42 -0.65
N LYS D 23 -13.62 -11.71 -1.59
CA LYS D 23 -14.94 -12.24 -1.26
C LYS D 23 -14.86 -13.73 -1.00
N THR E 3 -8.77 11.31 15.02
CA THR E 3 -7.65 11.83 15.80
C THR E 3 -6.36 11.24 15.29
N TRP E 4 -5.34 12.10 15.21
CA TRP E 4 -4.03 11.64 14.77
C TRP E 4 -3.42 10.66 15.77
N GLU E 5 -3.72 10.82 17.07
CA GLU E 5 -3.28 9.82 18.04
C GLU E 5 -3.92 8.47 17.77
N GLU E 6 -5.24 8.47 17.54
CA GLU E 6 -5.90 7.25 17.14
C GLU E 6 -5.26 6.70 15.89
N TRP E 7 -5.04 7.56 14.90
CA TRP E 7 -4.50 7.13 13.61
C TRP E 7 -3.10 6.54 13.79
N GLU E 8 -2.25 7.20 14.58
CA GLU E 8 -0.88 6.72 14.76
C GLU E 8 -0.89 5.31 15.33
N LYS E 9 -1.76 5.03 16.32
CA LYS E 9 -1.81 3.71 16.94
C LYS E 9 -2.21 2.63 15.94
N LYS E 10 -3.27 2.88 15.17
CA LYS E 10 -3.71 1.91 14.17
C LYS E 10 -2.61 1.60 13.16
N ILE E 11 -1.83 2.62 12.80
CA ILE E 11 -0.68 2.40 11.92
C ILE E 11 0.27 1.39 12.54
N GLU E 12 0.68 1.62 13.79
CA GLU E 12 1.66 0.70 14.34
C GLU E 12 1.04 -0.63 14.71
N GLU E 13 -0.29 -0.69 14.87
CA GLU E 13 -0.94 -1.97 15.07
C GLU E 13 -0.89 -2.80 13.80
N TYR E 14 -1.43 -2.27 12.71
CA TYR E 14 -1.45 -3.04 11.47
C TYR E 14 -0.04 -3.28 10.94
N THR E 15 0.89 -2.39 11.20
CA THR E 15 2.26 -2.61 10.76
C THR E 15 2.87 -3.85 11.40
N LYS E 16 2.88 -3.91 12.72
CA LYS E 16 3.44 -5.09 13.39
C LYS E 16 2.62 -6.36 13.12
N LYS E 17 1.35 -6.22 12.81
CA LYS E 17 0.58 -7.40 12.41
C LYS E 17 1.14 -7.96 11.11
N ILE E 18 1.51 -7.08 10.17
CA ILE E 18 2.01 -7.48 8.87
C ILE E 18 3.42 -8.08 9.00
N GLU E 19 4.29 -7.40 9.74
CA GLU E 19 5.64 -7.93 9.93
C GLU E 19 5.62 -9.30 10.59
N GLU E 20 4.67 -9.52 11.51
CA GLU E 20 4.50 -10.86 12.07
C GLU E 20 4.05 -11.86 11.01
N ILE E 21 3.22 -11.42 10.05
CA ILE E 21 2.74 -12.34 9.03
C ILE E 21 3.85 -12.66 8.03
N LEU E 22 4.60 -11.64 7.61
CA LEU E 22 5.76 -11.89 6.77
C LEU E 22 6.97 -12.32 7.58
N LYS E 23 6.76 -12.61 8.87
CA LYS E 23 7.79 -13.14 9.79
C LYS E 23 9.10 -12.38 9.73
N GLU F 1 15.54 11.68 8.65
CA GLU F 1 16.73 12.39 8.18
C GLU F 1 16.87 12.22 6.66
N LEU F 2 15.77 11.81 6.03
CA LEU F 2 15.82 11.06 4.78
C LEU F 2 15.57 11.91 3.53
N THR F 3 15.11 13.16 3.67
CA THR F 3 14.98 14.08 2.53
C THR F 3 13.88 13.65 1.57
N TRP F 4 13.13 14.61 1.02
CA TRP F 4 12.05 14.25 0.10
C TRP F 4 12.57 13.62 -1.18
N GLU F 5 13.67 14.13 -1.74
CA GLU F 5 14.13 13.59 -3.01
C GLU F 5 14.73 12.19 -2.85
N GLU F 6 15.42 11.91 -1.74
CA GLU F 6 15.75 10.51 -1.47
C GLU F 6 14.51 9.66 -1.27
N TRP F 7 13.45 10.24 -0.71
CA TRP F 7 12.17 9.51 -0.56
C TRP F 7 11.56 9.20 -1.92
N GLU F 8 11.54 10.19 -2.82
CA GLU F 8 10.95 9.96 -4.15
C GLU F 8 11.64 8.82 -4.90
N LYS F 9 12.98 8.79 -4.86
CA LYS F 9 13.73 7.74 -5.56
C LYS F 9 13.44 6.37 -4.99
N LYS F 10 13.39 6.24 -3.66
CA LYS F 10 13.08 4.95 -3.05
C LYS F 10 11.72 4.45 -3.48
N ILE F 11 10.75 5.36 -3.62
CA ILE F 11 9.44 4.97 -4.15
C ILE F 11 9.60 4.35 -5.53
N GLU F 12 10.26 5.08 -6.43
CA GLU F 12 10.44 4.61 -7.81
C GLU F 12 11.19 3.28 -7.85
N GLU F 13 12.29 3.17 -7.11
CA GLU F 13 13.05 1.92 -7.00
C GLU F 13 12.14 0.73 -6.68
N TYR F 14 11.39 0.82 -5.56
CA TYR F 14 10.52 -0.29 -5.17
C TYR F 14 9.34 -0.45 -6.12
N THR F 15 8.84 0.65 -6.69
CA THR F 15 7.74 0.54 -7.64
C THR F 15 8.16 -0.28 -8.86
N LYS F 16 9.27 0.11 -9.48
CA LYS F 16 9.78 -0.65 -10.61
C LYS F 16 10.09 -2.07 -10.20
N LYS F 17 10.62 -2.26 -8.98
CA LYS F 17 10.86 -3.61 -8.49
C LYS F 17 9.58 -4.43 -8.43
N ILE F 18 8.44 -3.77 -8.21
CA ILE F 18 7.16 -4.48 -8.22
C ILE F 18 6.76 -4.83 -9.65
N GLU F 19 6.84 -3.86 -10.56
CA GLU F 19 6.42 -4.13 -11.93
C GLU F 19 7.22 -5.26 -12.52
N GLU F 20 8.52 -5.29 -12.24
CA GLU F 20 9.37 -6.36 -12.76
C GLU F 20 8.96 -7.73 -12.22
N ILE F 21 8.48 -7.78 -10.98
CA ILE F 21 8.07 -9.07 -10.41
C ILE F 21 6.75 -9.53 -11.01
N LEU F 22 5.81 -8.61 -11.22
CA LEU F 22 4.54 -8.97 -11.86
C LEU F 22 4.70 -9.12 -13.37
N LYS F 23 5.16 -8.07 -14.04
CA LYS F 23 5.44 -8.14 -15.48
C LYS F 23 6.60 -9.09 -15.76
#